data_5LXF
#
_entry.id   5LXF
#
_cell.length_a   33.271
_cell.length_b   65.471
_cell.length_c   158.632
_cell.angle_alpha   90.00
_cell.angle_beta   90.00
_cell.angle_gamma   90.00
#
_symmetry.space_group_name_H-M   'P 21 21 21'
#
loop_
_entity.id
_entity.type
_entity.pdbx_description
1 polymer 'Macrophage colony-stimulating factor 1'
2 water water
#
_entity_poly.entity_id   1
_entity_poly.type   'polypeptide(L)'
_entity_poly.pdbx_seq_one_letter_code
;YVDYKDDDDKEFEEVSEYCSHMIGSGHLQSLQRLIDSQMETSSQITFEFVDQEQLKDPVCYLKKAFLLVQDIMEDTMRFR
DNTPNAIAIVQLQELSLRLKSCFTKDYEEHDKACVRTFYETPLQLLEKVKNVFNETKNLLDKDWNIFSKNCNNSFAECSS
QGHERQSEGSPRHHHHHHAAAN
;
_entity_poly.pdbx_strand_id   A,B
#
# COMPACT_ATOMS: atom_id res chain seq x y z
N GLU A 14 28.27 7.32 21.88
CA GLU A 14 28.76 6.38 22.89
C GLU A 14 27.66 5.37 23.22
N VAL A 15 27.98 4.08 23.23
CA VAL A 15 27.00 3.04 23.57
C VAL A 15 26.69 3.14 25.05
N SER A 16 25.41 3.03 25.42
CA SER A 16 25.06 3.17 26.83
C SER A 16 23.79 2.40 27.15
N GLU A 17 23.49 2.34 28.45
CA GLU A 17 22.26 1.71 28.90
CA GLU A 17 22.26 1.74 28.94
C GLU A 17 21.03 2.34 28.29
N TYR A 18 21.09 3.62 27.92
CA TYR A 18 19.94 4.27 27.30
C TYR A 18 19.52 3.61 26.00
N CYS A 19 20.43 2.87 25.35
CA CYS A 19 20.10 2.12 24.15
C CYS A 19 18.92 1.18 24.37
N SER A 20 18.84 0.54 25.54
CA SER A 20 17.77 -0.43 25.66
C SER A 20 16.40 0.23 25.86
N HIS A 21 16.33 1.56 25.93
CA HIS A 21 15.04 2.24 26.05
C HIS A 21 14.61 3.03 24.83
N MET A 22 15.32 2.93 23.71
CA MET A 22 14.94 3.80 22.59
C MET A 22 13.82 3.24 21.73
N ILE A 23 13.89 1.95 21.36
CA ILE A 23 12.83 1.34 20.58
C ILE A 23 11.70 0.96 21.52
N GLY A 24 10.55 1.61 21.35
CA GLY A 24 9.41 1.36 22.20
C GLY A 24 8.40 0.47 21.52
N SER A 25 7.44 0.00 22.31
CA SER A 25 6.35 -0.80 21.75
CA SER A 25 6.34 -0.78 21.77
C SER A 25 5.55 0.00 20.74
N GLY A 26 5.40 1.32 20.97
CA GLY A 26 4.66 2.15 20.03
C GLY A 26 5.28 2.17 18.65
N HIS A 27 6.62 2.14 18.57
CA HIS A 27 7.28 2.07 17.27
C HIS A 27 6.89 0.81 16.52
N LEU A 28 6.87 -0.33 17.22
CA LEU A 28 6.55 -1.59 16.57
C LEU A 28 5.07 -1.65 16.19
N GLN A 29 4.21 -1.26 17.12
CA GLN A 29 2.79 -1.20 16.81
C GLN A 29 2.51 -0.29 15.62
N SER A 30 3.23 0.84 15.54
CA SER A 30 3.11 1.73 14.40
C SER A 30 3.59 1.07 13.11
N LEU A 31 4.72 0.35 13.17
CA LEU A 31 5.13 -0.43 12.01
C LEU A 31 4.06 -1.42 11.60
N GLN A 32 3.40 -2.06 12.58
CA GLN A 32 2.37 -3.04 12.25
C GLN A 32 1.19 -2.34 11.56
N ARG A 33 0.84 -1.15 12.03
CA ARG A 33 -0.24 -0.38 11.40
C ARG A 33 0.11 -0.01 9.96
N LEU A 34 1.36 0.39 9.71
CA LEU A 34 1.86 0.51 8.33
C LEU A 34 1.58 -0.76 7.52
N ILE A 35 2.05 -1.90 8.03
CA ILE A 35 1.88 -3.16 7.31
C ILE A 35 0.41 -3.42 7.07
N ASP A 36 -0.43 -3.18 8.09
CA ASP A 36 -1.86 -3.51 7.95
C ASP A 36 -2.59 -2.66 6.93
N SER A 37 -2.06 -1.51 6.57
CA SER A 37 -2.74 -0.63 5.64
C SER A 37 -2.37 -0.88 4.17
N GLN A 38 -1.41 -1.76 3.89
CA GLN A 38 -0.96 -1.99 2.50
C GLN A 38 -1.90 -2.95 1.79
N MET A 39 -2.32 -2.56 0.60
CA MET A 39 -3.16 -3.41 -0.23
C MET A 39 -2.42 -4.66 -0.69
N GLU A 40 -3.09 -5.81 -0.59
CA GLU A 40 -2.47 -7.06 -1.01
C GLU A 40 -2.53 -7.13 -2.53
N THR A 41 -1.37 -7.08 -3.18
CA THR A 41 -1.32 -6.89 -4.62
C THR A 41 -0.07 -7.60 -5.13
N SER A 42 -0.07 -7.93 -6.42
CA SER A 42 1.11 -8.55 -7.01
C SER A 42 2.26 -7.57 -7.20
N SER A 43 2.06 -6.28 -6.92
CA SER A 43 3.07 -5.28 -7.21
C SER A 43 4.34 -5.57 -6.40
N GLN A 44 5.45 -5.85 -7.09
CA GLN A 44 6.75 -6.05 -6.45
C GLN A 44 7.66 -4.86 -6.71
N ILE A 45 8.59 -4.65 -5.78
CA ILE A 45 9.52 -3.52 -5.86
C ILE A 45 10.94 -4.03 -5.64
N THR A 46 11.87 -3.27 -6.18
CA THR A 46 13.27 -3.63 -6.07
C THR A 46 13.89 -2.81 -4.94
N PHE A 47 14.75 -3.46 -4.17
CA PHE A 47 15.49 -2.75 -3.13
C PHE A 47 16.74 -3.54 -2.79
N GLU A 48 17.67 -2.86 -2.14
CA GLU A 48 18.88 -3.46 -1.60
C GLU A 48 18.66 -3.79 -0.14
N PHE A 49 19.08 -4.99 0.26
CA PHE A 49 18.97 -5.39 1.66
C PHE A 49 20.03 -6.43 1.98
N VAL A 50 20.17 -6.72 3.28
CA VAL A 50 21.10 -7.72 3.76
C VAL A 50 20.61 -9.10 3.39
N ASP A 51 21.53 -9.97 2.99
CA ASP A 51 21.21 -11.34 2.62
C ASP A 51 21.38 -12.22 3.86
N GLN A 52 20.27 -12.79 4.35
CA GLN A 52 20.34 -13.64 5.53
C GLN A 52 21.22 -14.87 5.31
N GLU A 53 21.30 -15.34 4.06
CA GLU A 53 22.10 -16.51 3.72
C GLU A 53 23.60 -16.24 3.80
N GLN A 54 24.01 -15.00 3.58
CA GLN A 54 25.41 -14.60 3.64
C GLN A 54 25.82 -14.19 5.05
N LEU A 55 24.95 -13.47 5.74
CA LEU A 55 25.22 -12.94 7.07
C LEU A 55 24.25 -13.66 8.01
N LYS A 56 24.70 -14.78 8.58
CA LYS A 56 23.83 -15.56 9.43
C LYS A 56 23.97 -15.20 10.90
N ASP A 57 25.10 -14.63 11.31
CA ASP A 57 25.29 -14.27 12.71
C ASP A 57 24.27 -13.21 13.10
N PRO A 58 23.52 -13.43 14.19
CA PRO A 58 22.40 -12.52 14.49
C PRO A 58 22.83 -11.08 14.74
N VAL A 59 23.94 -10.86 15.44
CA VAL A 59 24.34 -9.50 15.78
C VAL A 59 24.83 -8.76 14.55
N CYS A 60 25.77 -9.36 13.82
CA CYS A 60 26.30 -8.68 12.65
C CYS A 60 25.26 -8.49 11.57
N TYR A 61 24.31 -9.42 11.43
CA TYR A 61 23.19 -9.20 10.54
C TYR A 61 22.48 -7.89 10.90
N LEU A 62 22.21 -7.67 12.19
CA LEU A 62 21.46 -6.47 12.55
C LEU A 62 22.31 -5.21 12.46
N LYS A 63 23.62 -5.29 12.72
CA LYS A 63 24.46 -4.11 12.50
C LYS A 63 24.35 -3.67 11.05
N LYS A 64 24.45 -4.62 10.12
CA LYS A 64 24.34 -4.32 8.70
C LYS A 64 22.92 -3.86 8.35
N ALA A 65 21.92 -4.61 8.83
CA ALA A 65 20.54 -4.30 8.47
C ALA A 65 20.12 -2.93 8.97
N PHE A 66 20.60 -2.55 10.18
CA PHE A 66 20.27 -1.24 10.74
C PHE A 66 20.70 -0.10 9.82
N LEU A 67 21.90 -0.19 9.24
CA LEU A 67 22.35 0.85 8.31
C LEU A 67 21.49 0.87 7.05
N LEU A 68 21.17 -0.31 6.50
CA LEU A 68 20.41 -0.36 5.25
C LEU A 68 18.97 0.12 5.44
N VAL A 69 18.36 -0.17 6.59
CA VAL A 69 17.00 0.29 6.84
C VAL A 69 16.92 1.82 6.73
N GLN A 70 18.01 2.53 7.00
CA GLN A 70 17.95 3.98 6.91
CA GLN A 70 18.02 3.99 6.90
C GLN A 70 17.86 4.45 5.46
N ASP A 71 18.56 3.77 4.53
CA ASP A 71 18.38 4.07 3.12
C ASP A 71 16.98 3.69 2.66
N ILE A 72 16.48 2.54 3.13
CA ILE A 72 15.16 2.11 2.69
C ILE A 72 14.10 3.11 3.12
N MET A 73 14.20 3.61 4.35
CA MET A 73 13.19 4.54 4.82
C MET A 73 13.26 5.86 4.06
N GLU A 74 14.46 6.29 3.68
CA GLU A 74 14.64 7.57 3.02
C GLU A 74 14.23 7.51 1.56
N ASP A 75 14.48 6.39 0.88
CA ASP A 75 14.32 6.31 -0.56
C ASP A 75 13.13 5.48 -1.02
N THR A 76 12.74 4.47 -0.25
CA THR A 76 11.79 3.47 -0.70
C THR A 76 10.45 3.51 0.03
N MET A 77 10.41 3.57 1.37
CA MET A 77 9.15 3.62 2.11
C MET A 77 8.61 5.04 2.13
N ARG A 78 8.13 5.47 0.97
CA ARG A 78 7.68 6.84 0.75
C ARG A 78 6.16 6.89 0.83
N PHE A 79 5.65 7.86 1.59
CA PHE A 79 4.23 8.10 1.73
C PHE A 79 4.01 9.59 1.58
N ARG A 80 2.80 9.95 1.16
CA ARG A 80 2.50 11.36 0.97
C ARG A 80 2.66 12.11 2.28
N ASP A 81 3.25 13.30 2.19
CA ASP A 81 3.55 14.11 3.37
C ASP A 81 2.32 14.27 4.25
N ASN A 82 2.54 14.16 5.57
CA ASN A 82 1.57 14.40 6.64
C ASN A 82 0.50 13.33 6.76
N THR A 83 0.61 12.21 6.04
CA THR A 83 -0.32 11.12 6.29
C THR A 83 0.14 10.34 7.51
N PRO A 84 -0.75 9.55 8.14
CA PRO A 84 -0.31 8.76 9.30
C PRO A 84 0.91 7.90 9.01
N ASN A 85 1.00 7.32 7.81
CA ASN A 85 2.12 6.44 7.50
C ASN A 85 3.40 7.24 7.26
N ALA A 86 3.30 8.40 6.61
CA ALA A 86 4.48 9.25 6.43
C ALA A 86 5.02 9.72 7.78
N ILE A 87 4.13 10.04 8.72
CA ILE A 87 4.55 10.46 10.05
C ILE A 87 5.24 9.32 10.78
N ALA A 88 4.72 8.11 10.65
CA ALA A 88 5.35 6.98 11.31
C ALA A 88 6.77 6.78 10.81
N ILE A 89 6.98 6.94 9.51
CA ILE A 89 8.32 6.80 8.93
C ILE A 89 9.26 7.86 9.52
N VAL A 90 8.80 9.12 9.62
CA VAL A 90 9.65 10.16 10.20
C VAL A 90 10.04 9.79 11.63
N GLN A 91 9.08 9.28 12.41
CA GLN A 91 9.37 8.87 13.77
C GLN A 91 10.38 7.72 13.81
N LEU A 92 10.23 6.75 12.89
CA LEU A 92 11.21 5.68 12.81
C LEU A 92 12.58 6.22 12.38
N GLN A 93 12.60 7.26 11.57
CA GLN A 93 13.88 7.85 11.20
C GLN A 93 14.52 8.56 12.38
N GLU A 94 13.71 9.32 13.14
CA GLU A 94 14.19 9.98 14.35
C GLU A 94 14.78 8.94 15.30
N LEU A 95 14.03 7.84 15.51
CA LEU A 95 14.46 6.76 16.39
C LEU A 95 15.79 6.19 15.92
N SER A 96 15.93 5.97 14.61
CA SER A 96 17.19 5.46 14.08
C SER A 96 18.35 6.42 14.38
N LEU A 97 18.10 7.71 14.29
CA LEU A 97 19.13 8.70 14.59
C LEU A 97 19.64 8.52 16.03
N ARG A 98 18.72 8.25 16.98
CA ARG A 98 19.12 7.95 18.36
C ARG A 98 19.92 6.64 18.44
N LEU A 99 19.49 5.62 17.70
CA LEU A 99 20.12 4.30 17.78
C LEU A 99 21.55 4.31 17.26
N LYS A 100 21.95 5.32 16.51
CA LYS A 100 23.28 5.28 15.94
C LYS A 100 24.35 5.35 17.03
N SER A 101 24.04 5.96 18.18
CA SER A 101 24.99 5.93 19.28
C SER A 101 25.16 4.53 19.86
N CYS A 102 24.30 3.57 19.50
CA CYS A 102 24.39 2.22 20.03
C CYS A 102 25.18 1.27 19.15
N PHE A 103 25.53 1.68 17.93
CA PHE A 103 26.22 0.82 16.98
C PHE A 103 27.61 1.39 16.73
N THR A 104 28.65 0.62 17.07
CA THR A 104 30.01 1.00 16.69
C THR A 104 30.21 0.83 15.18
N LYS A 105 31.14 1.60 14.63
CA LYS A 105 31.46 1.53 13.22
C LYS A 105 32.31 0.30 12.93
N ASP A 106 32.01 -0.35 11.81
CA ASP A 106 32.82 -1.40 11.25
C ASP A 106 33.54 -0.85 10.02
N TYR A 107 34.56 -1.58 9.56
CA TYR A 107 35.43 -1.12 8.47
C TYR A 107 34.61 -0.72 7.22
N GLU A 108 34.90 0.47 6.65
CA GLU A 108 34.17 0.99 5.49
C GLU A 108 34.40 0.12 4.27
N GLU A 109 35.63 -0.42 4.17
CA GLU A 109 35.96 -1.75 3.68
C GLU A 109 34.75 -2.53 3.17
N HIS A 110 33.83 -2.76 4.11
CA HIS A 110 32.76 -3.75 4.16
C HIS A 110 31.35 -3.14 4.07
N ASP A 111 31.16 -2.09 3.27
CA ASP A 111 29.84 -1.44 3.24
C ASP A 111 28.84 -2.18 2.35
N LYS A 112 29.22 -2.52 1.12
CA LYS A 112 28.28 -3.22 0.25
C LYS A 112 28.44 -4.73 0.36
N ALA A 113 29.32 -5.20 1.23
CA ALA A 113 29.40 -6.63 1.52
C ALA A 113 28.11 -7.09 2.19
N CYS A 114 27.70 -8.32 1.87
CA CYS A 114 26.51 -8.97 2.45
C CYS A 114 25.21 -8.36 1.93
N VAL A 115 25.25 -7.51 0.91
CA VAL A 115 24.05 -6.86 0.38
C VAL A 115 23.75 -7.38 -1.01
N ARG A 116 22.47 -7.58 -1.30
CA ARG A 116 22.04 -7.95 -2.64
C ARG A 116 20.71 -7.28 -2.94
N THR A 117 20.37 -7.28 -4.23
CA THR A 117 19.09 -6.75 -4.67
C THR A 117 17.97 -7.74 -4.35
N PHE A 118 16.82 -7.19 -3.96
CA PHE A 118 15.62 -7.97 -3.73
C PHE A 118 14.52 -7.49 -4.67
N TYR A 119 13.65 -8.42 -5.07
CA TYR A 119 12.45 -8.07 -5.82
C TYR A 119 11.29 -8.71 -5.06
N GLU A 120 10.68 -7.94 -4.16
CA GLU A 120 9.69 -8.46 -3.22
C GLU A 120 8.57 -7.44 -3.10
N THR A 121 7.46 -7.87 -2.50
CA THR A 121 6.32 -6.98 -2.35
C THR A 121 6.62 -5.95 -1.28
N PRO A 122 5.96 -4.79 -1.35
CA PRO A 122 6.04 -3.83 -0.24
C PRO A 122 5.72 -4.46 1.10
N LEU A 123 4.78 -5.40 1.19
CA LEU A 123 4.50 -6.03 2.47
CA LEU A 123 4.50 -6.05 2.46
C LEU A 123 5.74 -6.78 2.99
N GLN A 124 6.39 -7.54 2.10
CA GLN A 124 7.61 -8.26 2.49
C GLN A 124 8.72 -7.30 2.92
N LEU A 125 8.90 -6.19 2.20
CA LEU A 125 9.90 -5.22 2.63
C LEU A 125 9.58 -4.68 4.01
N LEU A 126 8.32 -4.29 4.22
CA LEU A 126 7.89 -3.78 5.51
C LEU A 126 8.07 -4.81 6.61
N GLU A 127 7.82 -6.09 6.33
CA GLU A 127 8.08 -7.11 7.35
C GLU A 127 9.57 -7.23 7.64
N LYS A 128 10.41 -7.09 6.61
CA LYS A 128 11.85 -7.11 6.86
C LYS A 128 12.27 -5.96 7.76
N VAL A 129 11.74 -4.76 7.50
CA VAL A 129 12.07 -3.60 8.32
C VAL A 129 11.54 -3.76 9.74
N LYS A 130 10.30 -4.22 9.90
CA LYS A 130 9.77 -4.43 11.26
C LYS A 130 10.60 -5.43 12.04
N ASN A 131 11.03 -6.52 11.40
CA ASN A 131 11.84 -7.53 12.08
C ASN A 131 13.18 -6.96 12.55
N VAL A 132 13.82 -6.10 11.76
CA VAL A 132 15.05 -5.46 12.20
C VAL A 132 14.83 -4.67 13.49
N PHE A 133 13.81 -3.79 13.49
CA PHE A 133 13.53 -3.02 14.70
C PHE A 133 13.15 -3.92 15.86
N ASN A 134 12.37 -4.99 15.59
CA ASN A 134 12.00 -5.90 16.65
C ASN A 134 13.19 -6.65 17.22
N GLU A 135 14.01 -7.25 16.36
CA GLU A 135 15.16 -8.02 16.85
CA GLU A 135 15.14 -8.01 16.87
C GLU A 135 16.18 -7.11 17.52
N THR A 136 16.33 -5.88 17.03
CA THR A 136 17.26 -4.94 17.67
C THR A 136 16.81 -4.60 19.07
N LYS A 137 15.51 -4.31 19.24
CA LYS A 137 14.98 -4.05 20.56
C LYS A 137 15.20 -5.25 21.48
N ASN A 138 15.00 -6.47 20.96
CA ASN A 138 15.12 -7.67 21.77
C ASN A 138 16.55 -7.86 22.26
N LEU A 139 17.54 -7.65 21.37
CA LEU A 139 18.93 -7.87 21.75
C LEU A 139 19.44 -6.80 22.72
N LEU A 140 19.13 -5.53 22.42
CA LEU A 140 19.42 -4.43 23.34
C LEU A 140 18.85 -4.71 24.73
N ASP A 141 17.65 -5.31 24.81
CA ASP A 141 17.13 -5.70 26.12
C ASP A 141 17.96 -6.82 26.74
N LYS A 142 18.70 -7.61 25.94
CA LYS A 142 19.55 -8.66 26.52
C LYS A 142 20.93 -8.12 26.95
N ASP A 143 21.51 -7.21 26.18
CA ASP A 143 22.82 -6.65 26.50
C ASP A 143 22.86 -5.35 25.72
N TRP A 144 22.71 -4.22 26.43
CA TRP A 144 22.63 -2.93 25.71
C TRP A 144 23.92 -2.55 25.00
N ASN A 145 25.01 -3.28 25.23
CA ASN A 145 26.31 -3.07 24.63
C ASN A 145 26.54 -3.95 23.42
N ILE A 146 25.54 -4.73 23.00
CA ILE A 146 25.81 -5.84 22.07
C ILE A 146 26.26 -5.34 20.69
N PHE A 147 25.81 -4.17 20.26
CA PHE A 147 26.16 -3.69 18.94
C PHE A 147 27.45 -2.88 18.94
N SER A 148 28.24 -2.98 20.02
CA SER A 148 29.64 -2.59 19.95
C SER A 148 30.51 -3.70 19.37
N LYS A 149 29.91 -4.82 18.99
CA LYS A 149 30.66 -5.93 18.42
C LYS A 149 31.41 -5.51 17.16
N ASN A 150 32.65 -5.97 17.06
CA ASN A 150 33.44 -5.87 15.84
C ASN A 150 32.96 -6.94 14.86
N CYS A 151 32.29 -6.52 13.79
CA CYS A 151 31.77 -7.46 12.81
C CYS A 151 32.61 -7.51 11.54
N ASN A 152 33.87 -7.09 11.62
CA ASN A 152 34.69 -6.97 10.42
C ASN A 152 34.95 -8.32 9.78
N ASN A 153 35.13 -9.36 10.59
CA ASN A 153 35.37 -10.69 10.03
C ASN A 153 34.09 -11.34 9.51
N SER A 154 32.96 -11.11 10.19
CA SER A 154 31.69 -11.63 9.69
C SER A 154 31.36 -11.03 8.33
N PHE A 155 31.61 -9.73 8.15
CA PHE A 155 31.31 -9.12 6.86
C PHE A 155 32.21 -9.66 5.76
N ALA A 156 33.42 -10.10 6.12
CA ALA A 156 34.38 -10.54 5.11
C ALA A 156 33.99 -11.88 4.47
N GLU A 157 33.28 -12.75 5.18
CA GLU A 157 32.92 -14.05 4.61
C GLU A 157 31.78 -13.96 3.61
N CYS A 158 31.13 -12.81 3.52
CA CYS A 158 30.01 -12.62 2.61
C CYS A 158 30.47 -12.65 1.15
N SER A 159 29.51 -12.87 0.25
CA SER A 159 29.81 -12.95 -1.18
C SER A 159 30.14 -11.57 -1.74
N GLU B 14 -37.31 -0.47 -9.42
CA GLU B 14 -37.24 0.96 -9.70
C GLU B 14 -35.96 1.64 -9.23
N VAL B 15 -35.44 2.52 -10.07
CA VAL B 15 -34.63 3.63 -9.60
C VAL B 15 -35.54 4.62 -8.90
N SER B 16 -35.14 5.13 -7.74
CA SER B 16 -35.99 6.04 -7.00
C SER B 16 -35.13 6.98 -6.19
N GLU B 17 -35.78 7.93 -5.51
CA GLU B 17 -35.10 8.91 -4.65
C GLU B 17 -34.20 8.25 -3.60
N TYR B 18 -34.31 6.94 -3.41
CA TYR B 18 -33.36 6.20 -2.59
C TYR B 18 -31.93 6.38 -3.10
N CYS B 19 -31.78 6.62 -4.40
CA CYS B 19 -30.47 6.85 -5.02
C CYS B 19 -29.83 8.17 -4.61
N SER B 20 -30.60 9.23 -4.43
CA SER B 20 -30.00 10.53 -4.19
C SER B 20 -29.34 10.56 -2.81
N HIS B 21 -28.15 11.16 -2.76
CA HIS B 21 -27.41 11.36 -1.52
C HIS B 21 -26.97 10.05 -0.86
N MET B 22 -26.95 8.95 -1.63
CA MET B 22 -26.61 7.65 -1.07
C MET B 22 -25.09 7.53 -0.86
N ILE B 23 -24.30 8.01 -1.81
CA ILE B 23 -22.86 8.08 -1.60
C ILE B 23 -22.57 9.31 -0.77
N GLY B 24 -22.02 9.11 0.43
CA GLY B 24 -21.73 10.18 1.35
C GLY B 24 -20.26 10.57 1.37
N SER B 25 -19.98 11.64 2.11
CA SER B 25 -18.62 12.15 2.23
C SER B 25 -17.73 11.18 3.01
N GLY B 26 -18.29 10.48 4.00
CA GLY B 26 -17.50 9.48 4.70
C GLY B 26 -16.99 8.40 3.76
N HIS B 27 -17.80 8.03 2.78
CA HIS B 27 -17.39 7.06 1.77
C HIS B 27 -16.19 7.58 0.99
N LEU B 28 -16.22 8.84 0.59
CA LEU B 28 -15.10 9.42 -0.16
C LEU B 28 -13.87 9.56 0.73
N GLN B 29 -14.05 10.02 1.97
CA GLN B 29 -12.91 10.08 2.89
C GLN B 29 -12.29 8.71 3.09
N SER B 30 -13.12 7.67 3.16
CA SER B 30 -12.58 6.31 3.29
C SER B 30 -11.72 5.96 2.09
N LEU B 31 -12.22 6.25 0.89
CA LEU B 31 -11.42 6.03 -0.32
C LEU B 31 -10.12 6.83 -0.25
N GLN B 32 -10.18 8.07 0.24
CA GLN B 32 -8.98 8.89 0.29
C GLN B 32 -7.95 8.33 1.28
N ARG B 33 -8.41 7.87 2.46
CA ARG B 33 -7.48 7.26 3.43
C ARG B 33 -6.87 6.00 2.86
N LEU B 34 -7.68 5.21 2.16
CA LEU B 34 -7.19 4.08 1.38
C LEU B 34 -6.00 4.49 0.52
N ILE B 35 -6.20 5.49 -0.34
CA ILE B 35 -5.14 5.95 -1.24
C ILE B 35 -3.94 6.46 -0.45
N ASP B 36 -4.17 7.24 0.61
CA ASP B 36 -3.07 7.90 1.31
C ASP B 36 -2.19 6.92 2.07
N SER B 37 -2.70 5.75 2.42
CA SER B 37 -1.93 4.81 3.21
C SER B 37 -1.06 3.91 2.35
N GLN B 38 -1.17 3.98 1.02
CA GLN B 38 -0.41 3.09 0.16
C GLN B 38 0.99 3.62 -0.06
N MET B 39 1.98 2.76 0.13
CA MET B 39 3.35 3.10 -0.22
C MET B 39 3.45 3.44 -1.69
N GLU B 40 4.15 4.52 -2.01
CA GLU B 40 4.30 4.95 -3.39
C GLU B 40 5.30 4.08 -4.14
N THR B 41 4.87 3.53 -5.27
CA THR B 41 5.71 2.65 -6.06
C THR B 41 5.40 2.84 -7.53
N SER B 42 6.42 2.68 -8.37
CA SER B 42 6.30 2.64 -9.82
C SER B 42 5.85 1.28 -10.33
N SER B 43 5.74 0.29 -9.45
CA SER B 43 5.43 -1.07 -9.87
C SER B 43 4.02 -1.17 -10.41
N GLN B 44 3.87 -1.75 -11.59
CA GLN B 44 2.60 -1.83 -12.26
C GLN B 44 1.98 -3.21 -12.06
N ILE B 45 0.66 -3.24 -12.11
CA ILE B 45 -0.10 -4.48 -12.00
C ILE B 45 -1.11 -4.45 -13.15
N THR B 46 -1.61 -5.63 -13.48
CA THR B 46 -2.59 -5.78 -14.54
C THR B 46 -3.99 -5.89 -13.93
N PHE B 47 -4.96 -5.24 -14.58
CA PHE B 47 -6.36 -5.34 -14.18
C PHE B 47 -7.23 -4.99 -15.38
N GLU B 48 -8.50 -5.40 -15.30
CA GLU B 48 -9.50 -5.03 -16.30
C GLU B 48 -10.27 -3.81 -15.82
N PHE B 49 -10.48 -2.87 -16.73
CA PHE B 49 -11.26 -1.69 -16.39
C PHE B 49 -11.85 -1.13 -17.67
N VAL B 50 -12.78 -0.21 -17.53
CA VAL B 50 -13.39 0.41 -18.70
C VAL B 50 -12.37 1.32 -19.36
N ASP B 51 -12.30 1.24 -20.68
CA ASP B 51 -11.36 2.01 -21.48
C ASP B 51 -12.02 3.34 -21.84
N GLN B 52 -11.57 4.43 -21.21
CA GLN B 52 -12.20 5.73 -21.48
C GLN B 52 -12.03 6.13 -22.93
N GLU B 53 -10.97 5.65 -23.60
CA GLU B 53 -10.79 6.02 -25.00
C GLU B 53 -11.85 5.38 -25.88
N GLN B 54 -12.43 4.25 -25.45
CA GLN B 54 -13.52 3.60 -26.18
C GLN B 54 -14.90 4.12 -25.79
N LEU B 55 -15.10 4.41 -24.52
CA LEU B 55 -16.40 4.81 -23.97
C LEU B 55 -16.26 6.22 -23.41
N LYS B 56 -16.56 7.22 -24.23
CA LYS B 56 -16.38 8.61 -23.82
C LYS B 56 -17.61 9.26 -23.22
N ASP B 57 -18.80 8.74 -23.46
CA ASP B 57 -19.98 9.39 -22.90
C ASP B 57 -19.93 9.30 -21.37
N PRO B 58 -20.02 10.41 -20.66
CA PRO B 58 -19.74 10.38 -19.22
C PRO B 58 -20.68 9.49 -18.42
N VAL B 59 -21.98 9.45 -18.76
CA VAL B 59 -22.92 8.66 -17.96
C VAL B 59 -22.69 7.18 -18.19
N CYS B 60 -22.70 6.74 -19.46
CA CYS B 60 -22.45 5.33 -19.69
C CYS B 60 -21.05 4.88 -19.32
N TYR B 61 -20.04 5.74 -19.37
CA TYR B 61 -18.77 5.34 -18.78
C TYR B 61 -18.97 4.91 -17.34
N LEU B 62 -19.69 5.73 -16.55
CA LEU B 62 -19.81 5.41 -15.14
C LEU B 62 -20.75 4.24 -14.89
N LYS B 63 -21.78 4.07 -15.74
CA LYS B 63 -22.62 2.89 -15.64
C LYS B 63 -21.79 1.61 -15.73
N LYS B 64 -20.94 1.53 -16.76
CA LYS B 64 -20.09 0.35 -16.93
C LYS B 64 -19.05 0.27 -15.83
N ALA B 65 -18.41 1.40 -15.51
CA ALA B 65 -17.31 1.42 -14.55
C ALA B 65 -17.79 1.02 -13.16
N PHE B 66 -19.00 1.45 -12.78
CA PHE B 66 -19.55 1.09 -11.48
C PHE B 66 -19.64 -0.43 -11.34
N LEU B 67 -20.05 -1.13 -12.41
CA LEU B 67 -20.12 -2.58 -12.36
C LEU B 67 -18.75 -3.20 -12.21
N LEU B 68 -17.74 -2.68 -12.94
CA LEU B 68 -16.41 -3.28 -12.85
C LEU B 68 -15.77 -3.01 -11.49
N VAL B 69 -16.04 -1.83 -10.92
CA VAL B 69 -15.49 -1.52 -9.62
C VAL B 69 -15.87 -2.60 -8.61
N GLN B 70 -17.03 -3.25 -8.83
CA GLN B 70 -17.44 -4.33 -7.92
C GLN B 70 -16.48 -5.51 -8.01
N ASP B 71 -16.09 -5.90 -9.23
CA ASP B 71 -15.08 -6.95 -9.39
C ASP B 71 -13.73 -6.51 -8.82
N ILE B 72 -13.36 -5.25 -9.06
CA ILE B 72 -12.10 -4.73 -8.55
C ILE B 72 -12.06 -4.84 -7.01
N MET B 73 -13.18 -4.50 -6.35
CA MET B 73 -13.18 -4.54 -4.89
C MET B 73 -13.10 -5.96 -4.36
N GLU B 74 -13.76 -6.88 -5.06
CA GLU B 74 -13.89 -8.25 -4.58
C GLU B 74 -12.57 -9.02 -4.76
N ASP B 75 -11.85 -8.74 -5.85
CA ASP B 75 -10.68 -9.52 -6.21
C ASP B 75 -9.34 -8.80 -6.05
N THR B 76 -9.32 -7.47 -6.13
CA THR B 76 -8.08 -6.71 -6.20
C THR B 76 -7.82 -5.86 -4.96
N MET B 77 -8.83 -5.13 -4.47
CA MET B 77 -8.62 -4.22 -3.34
C MET B 77 -8.76 -5.00 -2.02
N ARG B 78 -7.75 -5.82 -1.76
CA ARG B 78 -7.79 -6.80 -0.66
C ARG B 78 -6.89 -6.37 0.51
N PHE B 79 -7.43 -6.51 1.72
CA PHE B 79 -6.72 -6.19 2.96
C PHE B 79 -7.02 -7.28 3.99
N ARG B 80 -6.20 -7.32 5.01
CA ARG B 80 -6.48 -8.14 6.20
C ARG B 80 -7.79 -7.86 6.88
N ASP B 81 -8.42 -8.95 7.31
CA ASP B 81 -9.67 -8.89 8.04
C ASP B 81 -9.52 -7.91 9.18
N ASN B 82 -10.57 -7.10 9.35
CA ASN B 82 -10.72 -6.19 10.46
C ASN B 82 -9.72 -5.05 10.50
N THR B 83 -8.94 -4.82 9.44
CA THR B 83 -8.13 -3.60 9.40
C THR B 83 -9.00 -2.43 8.93
N PRO B 84 -8.59 -1.18 9.21
CA PRO B 84 -9.39 -0.03 8.75
C PRO B 84 -9.68 -0.06 7.25
N ASN B 85 -8.71 -0.47 6.43
CA ASN B 85 -8.93 -0.46 4.99
C ASN B 85 -9.85 -1.60 4.56
N ALA B 86 -9.75 -2.77 5.20
CA ALA B 86 -10.69 -3.84 4.89
C ALA B 86 -12.11 -3.42 5.26
N ILE B 87 -12.26 -2.69 6.37
CA ILE B 87 -13.58 -2.21 6.77
C ILE B 87 -14.13 -1.21 5.76
N ALA B 88 -13.28 -0.30 5.28
CA ALA B 88 -13.76 0.65 4.27
C ALA B 88 -14.23 -0.07 3.01
N ILE B 89 -13.52 -1.12 2.60
CA ILE B 89 -13.95 -1.87 1.40
C ILE B 89 -15.32 -2.49 1.65
N VAL B 90 -15.52 -3.10 2.83
CA VAL B 90 -16.82 -3.70 3.14
C VAL B 90 -17.91 -2.64 3.07
N GLN B 91 -17.64 -1.46 3.62
CA GLN B 91 -18.64 -0.39 3.57
C GLN B 91 -18.91 0.04 2.13
N LEU B 92 -17.86 0.15 1.31
CA LEU B 92 -18.04 0.48 -0.10
C LEU B 92 -18.81 -0.61 -0.84
N GLN B 93 -18.60 -1.87 -0.45
CA GLN B 93 -19.38 -2.96 -1.05
C GLN B 93 -20.83 -2.92 -0.57
N GLU B 94 -21.05 -2.71 0.73
CA GLU B 94 -22.40 -2.54 1.23
C GLU B 94 -23.10 -1.38 0.51
N LEU B 95 -22.39 -0.25 0.37
CA LEU B 95 -22.95 0.90 -0.33
C LEU B 95 -23.30 0.58 -1.78
N SER B 96 -22.41 -0.16 -2.46
CA SER B 96 -22.62 -0.52 -3.86
C SER B 96 -23.85 -1.40 -4.02
N LEU B 97 -24.10 -2.33 -3.07
CA LEU B 97 -25.31 -3.14 -3.13
C LEU B 97 -26.56 -2.26 -3.05
N ARG B 98 -26.56 -1.26 -2.15
CA ARG B 98 -27.70 -0.36 -2.08
C ARG B 98 -27.88 0.37 -3.41
N LEU B 99 -26.77 0.73 -4.05
CA LEU B 99 -26.78 1.46 -5.31
C LEU B 99 -27.27 0.64 -6.50
N LYS B 100 -27.42 -0.69 -6.37
CA LYS B 100 -27.63 -1.50 -7.58
C LYS B 100 -29.01 -1.22 -8.20
N SER B 101 -30.04 -0.92 -7.40
CA SER B 101 -31.34 -0.51 -7.98
C SER B 101 -31.31 0.89 -8.64
N CYS B 102 -30.20 1.64 -8.55
CA CYS B 102 -30.11 2.95 -9.20
C CYS B 102 -29.54 2.88 -10.61
N PHE B 103 -29.03 1.73 -11.04
CA PHE B 103 -28.50 1.57 -12.38
C PHE B 103 -29.45 0.62 -13.10
N THR B 104 -30.08 1.10 -14.16
CA THR B 104 -30.90 0.23 -14.99
C THR B 104 -30.02 -0.76 -15.73
N LYS B 105 -30.54 -1.96 -15.93
CA LYS B 105 -29.72 -2.96 -16.60
C LYS B 105 -29.69 -2.69 -18.10
N ASP B 106 -28.51 -2.89 -18.68
CA ASP B 106 -28.29 -2.81 -20.12
C ASP B 106 -28.12 -4.22 -20.69
N TYR B 107 -28.16 -4.30 -22.01
CA TYR B 107 -28.09 -5.58 -22.72
C TYR B 107 -26.90 -6.42 -22.26
N GLU B 108 -27.16 -7.72 -22.08
CA GLU B 108 -26.12 -8.67 -21.67
C GLU B 108 -25.08 -8.91 -22.77
N GLU B 109 -25.43 -8.64 -24.03
CA GLU B 109 -24.44 -8.68 -25.11
C GLU B 109 -23.32 -7.65 -24.98
N HIS B 110 -23.46 -6.66 -24.08
CA HIS B 110 -22.49 -5.57 -23.94
C HIS B 110 -21.68 -5.69 -22.65
N ASP B 111 -21.41 -6.92 -22.20
CA ASP B 111 -20.78 -7.13 -20.91
C ASP B 111 -19.28 -6.88 -20.99
N LYS B 112 -18.61 -7.46 -21.99
CA LYS B 112 -17.20 -7.24 -22.18
C LYS B 112 -16.86 -6.07 -23.11
N ALA B 113 -17.85 -5.41 -23.71
CA ALA B 113 -17.57 -4.25 -24.55
C ALA B 113 -16.98 -3.12 -23.74
N CYS B 114 -16.04 -2.39 -24.36
CA CYS B 114 -15.42 -1.20 -23.77
C CYS B 114 -14.41 -1.50 -22.67
N VAL B 115 -14.09 -2.75 -22.44
CA VAL B 115 -13.22 -3.16 -21.35
C VAL B 115 -11.88 -3.56 -21.95
N ARG B 116 -10.80 -3.20 -21.27
CA ARG B 116 -9.49 -3.67 -21.68
C ARG B 116 -8.64 -3.95 -20.46
N THR B 117 -7.56 -4.68 -20.69
CA THR B 117 -6.56 -4.89 -19.65
C THR B 117 -5.71 -3.64 -19.53
N PHE B 118 -5.41 -3.27 -18.28
CA PHE B 118 -4.56 -2.14 -17.96
C PHE B 118 -3.29 -2.64 -17.30
N TYR B 119 -2.21 -1.90 -17.51
CA TYR B 119 -0.93 -2.13 -16.85
C TYR B 119 -0.59 -0.82 -16.15
N GLU B 120 -1.02 -0.68 -14.89
CA GLU B 120 -0.90 0.59 -14.17
C GLU B 120 -0.57 0.32 -12.71
N THR B 121 -0.15 1.36 -11.97
CA THR B 121 0.20 1.16 -10.58
C THR B 121 -1.06 0.96 -9.71
N PRO B 122 -0.92 0.32 -8.56
CA PRO B 122 -2.04 0.28 -7.60
C PRO B 122 -2.62 1.65 -7.30
N LEU B 123 -1.78 2.69 -7.22
CA LEU B 123 -2.30 4.02 -6.94
C LEU B 123 -3.16 4.53 -8.09
N GLN B 124 -2.75 4.24 -9.33
CA GLN B 124 -3.57 4.65 -10.47
C GLN B 124 -4.91 3.91 -10.50
N LEU B 125 -4.90 2.62 -10.17
CA LEU B 125 -6.16 1.89 -10.05
C LEU B 125 -7.05 2.52 -8.98
N LEU B 126 -6.48 2.80 -7.80
CA LEU B 126 -7.25 3.39 -6.72
C LEU B 126 -7.83 4.75 -7.11
N GLU B 127 -7.08 5.55 -7.86
CA GLU B 127 -7.61 6.83 -8.34
C GLU B 127 -8.79 6.62 -9.29
N LYS B 128 -8.71 5.58 -10.14
CA LYS B 128 -9.85 5.27 -10.99
CA LYS B 128 -9.85 5.27 -10.99
C LYS B 128 -11.07 4.93 -10.17
N VAL B 129 -10.89 4.15 -9.08
CA VAL B 129 -12.04 3.74 -8.28
C VAL B 129 -12.63 4.94 -7.54
N LYS B 130 -11.77 5.75 -6.93
CA LYS B 130 -12.26 6.96 -6.26
C LYS B 130 -13.00 7.87 -7.23
N ASN B 131 -12.47 8.02 -8.44
CA ASN B 131 -13.13 8.87 -9.43
C ASN B 131 -14.52 8.34 -9.80
N VAL B 132 -14.68 7.01 -9.93
CA VAL B 132 -15.99 6.45 -10.21
C VAL B 132 -17.00 6.79 -9.10
N PHE B 133 -16.64 6.49 -7.83
CA PHE B 133 -17.53 6.81 -6.73
C PHE B 133 -17.79 8.30 -6.62
N ASN B 134 -16.76 9.11 -6.86
CA ASN B 134 -16.92 10.56 -6.76
C ASN B 134 -17.84 11.11 -7.84
N GLU B 135 -17.63 10.69 -9.09
CA GLU B 135 -18.45 11.21 -10.18
C GLU B 135 -19.87 10.63 -10.15
N THR B 136 -20.01 9.37 -9.73
CA THR B 136 -21.34 8.82 -9.54
C THR B 136 -22.12 9.64 -8.52
N LYS B 137 -21.48 9.98 -7.39
CA LYS B 137 -22.12 10.81 -6.37
C LYS B 137 -22.52 12.18 -6.93
N ASN B 138 -21.65 12.77 -7.76
CA ASN B 138 -21.92 14.12 -8.28
C ASN B 138 -23.15 14.13 -9.18
N LEU B 139 -23.28 13.13 -10.05
CA LEU B 139 -24.40 13.06 -10.99
C LEU B 139 -25.70 12.67 -10.28
N LEU B 140 -25.65 11.68 -9.39
CA LEU B 140 -26.78 11.36 -8.52
C LEU B 140 -27.28 12.58 -7.76
N ASP B 141 -26.37 13.43 -7.28
CA ASP B 141 -26.80 14.63 -6.57
C ASP B 141 -27.49 15.64 -7.47
N LYS B 142 -27.23 15.58 -8.79
CA LYS B 142 -27.94 16.42 -9.74
C LYS B 142 -29.27 15.82 -10.17
N ASP B 143 -29.34 14.48 -10.26
CA ASP B 143 -30.51 13.82 -10.82
C ASP B 143 -30.46 12.36 -10.36
N TRP B 144 -31.33 11.99 -9.41
CA TRP B 144 -31.25 10.63 -8.89
C TRP B 144 -31.61 9.57 -9.93
N ASN B 145 -32.14 9.96 -11.09
CA ASN B 145 -32.56 9.05 -12.15
C ASN B 145 -31.56 8.93 -13.30
N ILE B 146 -30.37 9.53 -13.15
CA ILE B 146 -29.48 9.69 -14.30
C ILE B 146 -28.99 8.35 -14.84
N PHE B 147 -28.84 7.35 -13.97
CA PHE B 147 -28.32 6.05 -14.42
C PHE B 147 -29.42 5.09 -14.82
N SER B 148 -30.62 5.59 -15.04
CA SER B 148 -31.63 4.88 -15.82
C SER B 148 -31.40 5.03 -17.32
N LYS B 149 -30.35 5.75 -17.73
CA LYS B 149 -30.05 5.93 -19.14
C LYS B 149 -29.83 4.59 -19.84
N ASN B 150 -30.39 4.47 -21.05
CA ASN B 150 -30.12 3.34 -21.92
C ASN B 150 -28.77 3.54 -22.59
N CYS B 151 -27.77 2.74 -22.20
CA CYS B 151 -26.43 2.91 -22.76
C CYS B 151 -26.06 1.84 -23.79
N ASN B 152 -27.06 1.19 -24.37
CA ASN B 152 -26.76 0.09 -25.29
C ASN B 152 -26.04 0.60 -26.53
N ASN B 153 -26.42 1.78 -27.02
CA ASN B 153 -25.78 2.30 -28.22
C ASN B 153 -24.39 2.85 -27.92
N SER B 154 -24.17 3.41 -26.73
CA SER B 154 -22.83 3.83 -26.37
C SER B 154 -21.89 2.64 -26.30
N PHE B 155 -22.36 1.53 -25.71
CA PHE B 155 -21.52 0.35 -25.58
C PHE B 155 -21.25 -0.27 -26.93
N ALA B 156 -22.23 -0.17 -27.85
CA ALA B 156 -22.08 -0.75 -29.17
C ALA B 156 -21.02 -0.02 -29.98
N GLU B 157 -20.84 1.28 -29.72
CA GLU B 157 -19.85 2.07 -30.44
C GLU B 157 -18.43 1.83 -29.96
N CYS B 158 -18.23 1.09 -28.87
CA CYS B 158 -16.87 0.85 -28.43
C CYS B 158 -16.16 0.00 -29.49
N SER B 159 -14.87 0.23 -29.64
CA SER B 159 -14.12 -0.46 -30.68
C SER B 159 -13.79 -1.91 -30.31
N SER B 160 -13.62 -2.22 -29.03
CA SER B 160 -13.14 -3.55 -28.68
C SER B 160 -13.89 -4.06 -27.45
N GLN B 161 -13.35 -5.13 -26.87
CA GLN B 161 -13.93 -5.83 -25.74
C GLN B 161 -12.79 -6.34 -24.87
N GLY B 162 -13.12 -6.72 -23.63
CA GLY B 162 -12.14 -7.28 -22.72
C GLY B 162 -11.74 -8.71 -23.06
#